data_5APG
#
_entry.id   5APG
#
_cell.length_a   115.950
_cell.length_b   66.970
_cell.length_c   106.420
_cell.angle_alpha   90.00
_cell.angle_beta   89.99
_cell.angle_gamma   90.00
#
_symmetry.space_group_name_H-M   'C 1 2 1'
#
loop_
_entity.id
_entity.type
_entity.pdbx_description
1 polymer TSR3
2 non-polymer [(3S)-3-amino-4-hydroxy-4-oxo-butyl]-[[(2S,3S,4R,5R)-5-(6-aminopurin-9-yl)-3,4-dihydroxy-oxolan-2-yl]methyl]-methyl-selanium
3 non-polymer '2-(N-MORPHOLINO)-ETHANESULFONIC ACID'
4 water water
#
_entity_poly.entity_id   1
_entity_poly.type   'polypeptide(L)'
_entity_poly.pdbx_seq_one_letter_code
;(MSE)IPRVFIYRLPQDDPRKNTAIKLVRFGFAQLVDSIKALPSGSIILDPTVKTPLTPSDRVIAESRGLSLIDCSWKRA
VDVHTKFIRGKFIRRRLPLLIAANPTHYGKPYILSTIEAVAAALYI(MSE)GFKDEA(MSE)EVLRLYKWGPNFIIINQK
YLERYAAGDLSPERELLGVDDVDNGLEQL(MSE)RVLTNGD
;
_entity_poly.pdbx_strand_id   A,B,C
#
loop_
_chem_comp.id
_chem_comp.type
_chem_comp.name
_chem_comp.formula
EEM non-polymer [(3S)-3-amino-4-hydroxy-4-oxo-butyl]-[[(2S,3S,4R,5R)-5-(6-aminopurin-9-yl)-3,4-dihydroxy-oxolan-2-yl]methyl]-methyl-selanium 'C15 H23 N6 O5 Se 1'
MES non-polymer '2-(N-MORPHOLINO)-ETHANESULFONIC ACID' 'C6 H13 N O4 S'
#
# COMPACT_ATOMS: atom_id res chain seq x y z
N MSE A 1 -5.13 -25.57 24.05
CA MSE A 1 -3.93 -26.28 23.63
C MSE A 1 -3.24 -25.56 22.49
O MSE A 1 -3.82 -25.38 21.42
CB MSE A 1 -4.28 -27.71 23.22
CG MSE A 1 -3.09 -28.53 22.74
SE MSE A 1 -1.83 -28.96 24.17
CE MSE A 1 -0.73 -30.27 23.24
N ILE A 2 -2.00 -25.15 22.73
CA ILE A 2 -1.22 -24.43 21.72
C ILE A 2 -1.11 -25.24 20.45
N PRO A 3 -1.31 -24.59 19.29
CA PRO A 3 -1.03 -25.26 18.01
C PRO A 3 0.45 -25.54 17.89
N ARG A 4 0.82 -26.47 17.02
CA ARG A 4 2.23 -26.76 16.77
C ARG A 4 2.86 -25.62 15.99
N VAL A 5 3.95 -25.09 16.52
CA VAL A 5 4.66 -23.99 15.88
C VAL A 5 6.02 -24.47 15.36
N PHE A 6 6.30 -24.16 14.09
CA PHE A 6 7.55 -24.57 13.46
C PHE A 6 8.32 -23.37 12.95
N ILE A 7 9.61 -23.32 13.24
CA ILE A 7 10.44 -22.18 12.86
C ILE A 7 11.68 -22.62 12.07
N TYR A 8 11.87 -22.02 10.91
CA TYR A 8 13.15 -22.11 10.24
C TYR A 8 13.94 -20.86 10.56
N ARG A 9 15.12 -21.05 11.14
CA ARG A 9 15.94 -19.93 11.55
C ARG A 9 17.17 -19.78 10.67
N LEU A 10 17.34 -18.58 10.12
CA LEU A 10 18.60 -18.24 9.46
C LEU A 10 19.60 -17.81 10.53
N PRO A 11 20.62 -18.64 10.76
CA PRO A 11 21.58 -18.40 11.83
C PRO A 11 22.46 -17.17 11.57
N GLN A 12 21.90 -15.98 11.73
CA GLN A 12 22.61 -14.74 11.41
C GLN A 12 22.92 -13.91 12.66
N ASP A 13 21.88 -13.52 13.41
CA ASP A 13 22.10 -12.80 14.67
C ASP A 13 22.76 -13.69 15.72
N ASP A 14 23.20 -13.13 16.85
CA ASP A 14 23.71 -14.00 17.92
C ASP A 14 22.52 -14.53 18.74
N PRO A 15 22.40 -15.85 18.84
CA PRO A 15 21.21 -16.57 19.31
C PRO A 15 20.80 -16.33 20.75
N ARG A 16 21.69 -15.69 21.52
CA ARG A 16 21.41 -15.40 22.91
C ARG A 16 20.47 -14.21 23.04
N LYS A 17 20.33 -13.44 21.96
CA LYS A 17 19.47 -12.26 21.97
C LYS A 17 18.29 -12.43 21.02
N ASN A 18 18.22 -13.60 20.40
CA ASN A 18 17.15 -13.93 19.47
C ASN A 18 15.94 -14.53 20.20
N THR A 19 14.74 -14.07 19.85
CA THR A 19 13.55 -14.48 20.62
C THR A 19 13.03 -15.85 20.18
N ALA A 20 13.37 -16.25 18.95
CA ALA A 20 12.96 -17.56 18.46
C ALA A 20 13.69 -18.68 19.20
N ILE A 21 14.98 -18.46 19.44
CA ILE A 21 15.78 -19.42 20.20
C ILE A 21 15.18 -19.66 21.59
N LYS A 22 14.67 -18.60 22.20
CA LYS A 22 14.05 -18.71 23.52
C LYS A 22 12.71 -19.46 23.47
N LEU A 23 11.90 -19.18 22.45
CA LEU A 23 10.69 -19.96 22.19
C LEU A 23 10.97 -21.46 22.13
N VAL A 24 12.01 -21.81 21.37
CA VAL A 24 12.37 -23.20 21.15
C VAL A 24 12.90 -23.82 22.44
N ARG A 25 13.71 -23.06 23.15
CA ARG A 25 14.31 -23.53 24.40
C ARG A 25 13.25 -23.95 25.43
N PHE A 26 12.11 -23.26 25.42
CA PHE A 26 11.04 -23.57 26.36
C PHE A 26 9.96 -24.46 25.76
N GLY A 27 10.17 -24.91 24.53
CA GLY A 27 9.28 -25.88 23.91
C GLY A 27 7.98 -25.36 23.32
N PHE A 28 7.87 -24.04 23.13
CA PHE A 28 6.70 -23.47 22.47
C PHE A 28 6.72 -23.70 20.96
N ALA A 29 7.91 -23.97 20.44
CA ALA A 29 8.09 -24.19 19.01
C ALA A 29 9.28 -25.11 18.80
N GLN A 30 9.38 -25.65 17.59
CA GLN A 30 10.53 -26.48 17.26
C GLN A 30 11.22 -25.96 16.01
N LEU A 31 12.54 -25.99 16.02
CA LEU A 31 13.33 -25.62 14.84
C LEU A 31 13.29 -26.73 13.79
N VAL A 32 13.27 -26.34 12.53
CA VAL A 32 13.41 -27.28 11.43
C VAL A 32 14.67 -26.93 10.65
N ASP A 33 15.20 -27.86 9.87
CA ASP A 33 16.52 -27.65 9.27
C ASP A 33 16.47 -26.94 7.93
N SER A 34 15.27 -26.74 7.41
CA SER A 34 15.10 -26.08 6.12
C SER A 34 13.68 -25.54 5.95
N ILE A 35 13.50 -24.66 4.98
CA ILE A 35 12.16 -24.14 4.66
C ILE A 35 11.29 -25.28 4.15
N LYS A 36 11.91 -26.22 3.43
CA LYS A 36 11.20 -27.38 2.91
C LYS A 36 10.66 -28.26 4.03
N ALA A 37 11.30 -28.20 5.19
CA ALA A 37 10.91 -29.03 6.33
C ALA A 37 9.72 -28.44 7.10
N LEU A 38 9.42 -27.18 6.86
CA LEU A 38 8.22 -26.56 7.44
C LEU A 38 7.00 -27.27 6.87
N PRO A 39 5.94 -27.44 7.68
CA PRO A 39 4.78 -28.23 7.23
C PRO A 39 4.01 -27.58 6.08
N SER A 40 3.80 -28.31 5.00
CA SER A 40 2.99 -27.83 3.89
C SER A 40 1.54 -27.63 4.31
N GLY A 41 0.92 -26.58 3.80
CA GLY A 41 -0.48 -26.32 4.11
C GLY A 41 -0.69 -25.67 5.45
N SER A 42 0.41 -25.36 6.14
CA SER A 42 0.33 -24.63 7.40
C SER A 42 0.14 -23.14 7.12
N ILE A 43 -0.32 -22.40 8.13
CA ILE A 43 -0.22 -20.95 8.11
C ILE A 43 1.26 -20.59 8.23
N ILE A 44 1.75 -19.75 7.34
CA ILE A 44 3.07 -19.17 7.55
C ILE A 44 2.93 -17.67 7.73
N LEU A 45 3.50 -17.16 8.81
CA LEU A 45 3.55 -15.72 8.99
C LEU A 45 4.51 -15.17 7.95
N ASP A 46 4.11 -14.06 7.33
CA ASP A 46 4.87 -13.48 6.24
C ASP A 46 4.55 -12.00 6.19
N PRO A 47 5.48 -11.15 6.66
CA PRO A 47 5.24 -9.71 6.69
C PRO A 47 5.22 -9.06 5.31
N THR A 48 5.59 -9.78 4.26
CA THR A 48 5.67 -9.21 2.92
C THR A 48 4.38 -9.35 2.11
N VAL A 49 3.44 -10.16 2.57
CA VAL A 49 2.17 -10.30 1.86
C VAL A 49 1.16 -9.31 2.44
N LYS A 50 0.02 -9.14 1.76
CA LYS A 50 -0.96 -8.13 2.16
C LYS A 50 -2.17 -8.74 2.86
N THR A 51 -2.24 -10.08 2.87
CA THR A 51 -3.39 -10.77 3.43
C THR A 51 -3.24 -10.97 4.94
N PRO A 52 -4.06 -10.28 5.73
CA PRO A 52 -3.92 -10.38 7.19
C PRO A 52 -4.51 -11.66 7.78
N LEU A 53 -3.85 -12.15 8.82
CA LEU A 53 -4.33 -13.27 9.61
C LEU A 53 -5.68 -12.92 10.25
N THR A 54 -6.60 -13.87 10.26
CA THR A 54 -7.91 -13.68 10.87
C THR A 54 -8.22 -14.84 11.82
N PRO A 55 -9.19 -14.66 12.74
CA PRO A 55 -9.52 -15.73 13.69
C PRO A 55 -9.83 -17.07 13.03
N SER A 56 -10.47 -17.06 11.86
CA SER A 56 -10.88 -18.30 11.23
C SER A 56 -9.69 -19.12 10.71
N ASP A 57 -8.50 -18.51 10.66
CA ASP A 57 -7.28 -19.25 10.34
C ASP A 57 -6.90 -20.26 11.42
N ARG A 58 -7.55 -20.15 12.58
CA ARG A 58 -7.36 -21.13 13.67
C ARG A 58 -7.49 -22.58 13.20
N VAL A 59 -8.47 -22.84 12.34
CA VAL A 59 -8.75 -24.21 11.89
C VAL A 59 -7.53 -24.82 11.18
N ILE A 60 -6.83 -23.99 10.41
CA ILE A 60 -5.63 -24.43 9.69
C ILE A 60 -4.45 -24.62 10.64
N ALA A 61 -4.27 -23.68 11.57
CA ALA A 61 -3.22 -23.77 12.56
C ALA A 61 -3.36 -25.03 13.42
N GLU A 62 -4.58 -25.39 13.76
CA GLU A 62 -4.84 -26.61 14.53
C GLU A 62 -4.51 -27.89 13.77
N SER A 63 -4.80 -27.89 12.47
CA SER A 63 -4.73 -29.11 11.69
C SER A 63 -3.40 -29.28 10.94
N ARG A 64 -2.78 -28.17 10.54
CA ARG A 64 -1.53 -28.24 9.80
C ARG A 64 -0.37 -27.61 10.58
N GLY A 65 -0.67 -26.65 11.44
CA GLY A 65 0.35 -26.00 12.25
C GLY A 65 0.60 -24.55 11.87
N LEU A 66 1.54 -23.92 12.57
CA LEU A 66 1.91 -22.52 12.32
C LEU A 66 3.41 -22.43 12.05
N SER A 67 3.77 -21.88 10.91
CA SER A 67 5.18 -21.80 10.50
C SER A 67 5.68 -20.37 10.51
N LEU A 68 6.98 -20.21 10.77
CA LEU A 68 7.63 -18.91 10.67
C LEU A 68 9.06 -19.06 10.19
N ILE A 69 9.56 -18.02 9.53
CA ILE A 69 10.98 -17.92 9.24
C ILE A 69 11.58 -16.86 10.15
N ASP A 70 12.59 -17.23 10.93
CA ASP A 70 13.28 -16.27 11.76
C ASP A 70 14.58 -15.83 11.08
N CYS A 71 14.68 -14.54 10.82
CA CYS A 71 15.85 -13.97 10.16
C CYS A 71 15.99 -12.53 10.60
N SER A 72 17.01 -11.82 10.12
CA SER A 72 17.11 -10.40 10.42
C SER A 72 16.06 -9.65 9.62
N TRP A 73 15.60 -8.51 10.13
CA TRP A 73 14.64 -7.70 9.38
C TRP A 73 15.27 -7.12 8.12
N LYS A 74 16.60 -6.95 8.14
CA LYS A 74 17.31 -6.46 6.97
C LYS A 74 17.23 -7.44 5.80
N ARG A 75 17.10 -8.74 6.12
CA ARG A 75 17.00 -9.77 5.10
C ARG A 75 15.57 -10.27 4.87
N ALA A 76 14.63 -9.84 5.71
CA ALA A 76 13.30 -10.43 5.76
C ALA A 76 12.55 -10.38 4.42
N VAL A 77 12.60 -9.24 3.74
CA VAL A 77 11.87 -9.10 2.49
C VAL A 77 12.44 -10.06 1.44
N ASP A 78 13.75 -10.05 1.27
CA ASP A 78 14.40 -10.91 0.30
C ASP A 78 14.11 -12.39 0.55
N VAL A 79 14.17 -12.81 1.81
CA VAL A 79 13.99 -14.21 2.17
C VAL A 79 12.56 -14.67 1.91
N HIS A 80 11.58 -13.91 2.37
CA HIS A 80 10.18 -14.30 2.21
C HIS A 80 9.72 -14.25 0.76
N THR A 81 10.21 -13.28 0.00
CA THR A 81 9.76 -13.13 -1.38
C THR A 81 10.34 -14.19 -2.30
N LYS A 82 11.56 -14.65 -1.99
CA LYS A 82 12.26 -15.56 -2.90
C LYS A 82 12.11 -17.03 -2.56
N PHE A 83 11.78 -17.37 -1.32
CA PHE A 83 11.88 -18.78 -0.91
C PHE A 83 10.59 -19.47 -0.44
N ILE A 84 9.46 -18.75 -0.41
CA ILE A 84 8.20 -19.43 -0.09
C ILE A 84 7.13 -19.16 -1.14
N ARG A 85 6.80 -20.20 -1.90
CA ARG A 85 5.83 -20.11 -2.97
C ARG A 85 4.88 -21.31 -2.98
N GLY A 86 3.59 -21.05 -2.84
CA GLY A 86 2.57 -22.08 -3.02
C GLY A 86 2.41 -23.07 -1.87
N LYS A 87 3.50 -23.35 -1.17
CA LYS A 87 3.55 -24.39 -0.15
C LYS A 87 2.69 -24.07 1.08
N PHE A 88 2.49 -22.78 1.36
CA PHE A 88 1.86 -22.34 2.60
C PHE A 88 0.62 -21.48 2.40
N ILE A 89 -0.09 -21.25 3.49
CA ILE A 89 -1.11 -20.21 3.55
C ILE A 89 -0.46 -18.97 4.17
N ARG A 90 -0.07 -18.04 3.31
CA ARG A 90 0.75 -16.90 3.72
C ARG A 90 -0.10 -15.76 4.26
N ARG A 91 0.20 -15.34 5.48
CA ARG A 91 -0.57 -14.27 6.13
C ARG A 91 0.34 -13.29 6.86
N ARG A 92 0.12 -11.99 6.66
CA ARG A 92 0.77 -11.00 7.49
C ARG A 92 -0.04 -10.86 8.76
N LEU A 93 0.56 -10.28 9.79
CA LEU A 93 -0.21 -9.95 10.97
C LEU A 93 -0.92 -8.63 10.73
N PRO A 94 -2.12 -8.47 11.30
CA PRO A 94 -2.75 -7.15 11.32
C PRO A 94 -1.87 -6.19 12.10
N LEU A 95 -2.05 -4.90 11.87
CA LEU A 95 -1.13 -3.88 12.37
C LEU A 95 -1.12 -3.81 13.90
N LEU A 96 0.06 -3.99 14.47
CA LEU A 96 0.25 -3.97 15.91
C LEU A 96 1.47 -3.15 16.27
N ILE A 97 1.54 -2.73 17.52
CA ILE A 97 2.64 -1.91 18.00
C ILE A 97 3.64 -2.78 18.78
N ALA A 98 4.92 -2.68 18.45
CA ALA A 98 5.95 -3.46 19.12
C ALA A 98 6.13 -3.02 20.56
N ALA A 99 6.39 -3.97 21.45
CA ALA A 99 6.62 -3.67 22.86
C ALA A 99 8.03 -4.01 23.30
N ASN A 100 8.82 -4.63 22.42
CA ASN A 100 10.20 -4.99 22.76
C ASN A 100 11.06 -3.73 22.90
N PRO A 101 12.15 -3.81 23.68
CA PRO A 101 12.99 -2.65 23.96
C PRO A 101 13.65 -2.02 22.73
N THR A 102 13.85 -2.80 21.67
CA THR A 102 14.50 -2.27 20.46
C THR A 102 13.58 -1.34 19.67
N HIS A 103 12.34 -1.77 19.46
CA HIS A 103 11.43 -1.03 18.59
C HIS A 103 10.16 -0.59 19.31
N TYR A 104 10.24 -0.39 20.62
CA TYR A 104 9.08 0.00 21.41
C TYR A 104 8.30 1.15 20.79
N GLY A 105 7.00 0.95 20.64
CA GLY A 105 6.13 2.01 20.17
C GLY A 105 5.96 2.10 18.67
N LYS A 106 6.72 1.32 17.93
CA LYS A 106 6.69 1.41 16.46
C LYS A 106 5.83 0.31 15.84
N PRO A 107 5.09 0.65 14.77
CA PRO A 107 4.13 -0.26 14.15
C PRO A 107 4.73 -1.38 13.30
N TYR A 108 4.05 -2.52 13.32
CA TYR A 108 4.21 -3.62 12.35
C TYR A 108 5.47 -4.48 12.52
N ILE A 109 6.60 -3.85 12.81
CA ILE A 109 7.86 -4.58 12.87
C ILE A 109 8.03 -5.26 14.22
N LEU A 110 7.57 -6.51 14.32
CA LEU A 110 7.56 -7.22 15.60
C LEU A 110 8.71 -8.21 15.73
N SER A 111 9.06 -8.53 16.98
CA SER A 111 9.97 -9.64 17.23
C SER A 111 9.26 -10.94 16.90
N THR A 112 10.03 -12.00 16.70
CA THR A 112 9.46 -13.29 16.38
C THR A 112 8.49 -13.74 17.48
N ILE A 113 8.87 -13.53 18.74
CA ILE A 113 8.02 -13.98 19.84
C ILE A 113 6.73 -13.17 19.94
N GLU A 114 6.79 -11.87 19.64
CA GLU A 114 5.60 -11.03 19.63
C GLU A 114 4.67 -11.46 18.50
N ALA A 115 5.26 -11.82 17.36
CA ALA A 115 4.47 -12.26 16.23
C ALA A 115 3.76 -13.57 16.50
N VAL A 116 4.46 -14.51 17.13
CA VAL A 116 3.85 -15.77 17.51
C VAL A 116 2.70 -15.53 18.47
N ALA A 117 2.93 -14.69 19.48
CA ALA A 117 1.90 -14.40 20.46
C ALA A 117 0.69 -13.69 19.84
N ALA A 118 0.94 -12.73 18.96
CA ALA A 118 -0.14 -12.05 18.25
C ALA A 118 -0.98 -13.03 17.44
N ALA A 119 -0.31 -13.92 16.71
CA ALA A 119 -1.00 -14.92 15.90
C ALA A 119 -1.87 -15.80 16.78
N LEU A 120 -1.30 -16.28 17.88
CA LEU A 120 -2.03 -17.10 18.85
C LEU A 120 -3.26 -16.37 19.39
N TYR A 121 -3.07 -15.13 19.82
CA TYR A 121 -4.15 -14.33 20.38
C TYR A 121 -5.30 -14.18 19.38
N ILE A 122 -4.96 -13.78 18.16
CA ILE A 122 -5.96 -13.54 17.11
C ILE A 122 -6.75 -14.81 16.81
N MSE A 123 -6.09 -15.96 16.88
CA MSE A 123 -6.74 -17.22 16.57
C MSE A 123 -7.40 -17.87 17.79
O MSE A 123 -7.83 -19.02 17.74
CB MSE A 123 -5.73 -18.18 15.94
CG MSE A 123 -5.20 -17.66 14.60
SE MSE A 123 -4.12 -18.98 13.64
CE MSE A 123 -2.66 -19.16 14.90
N GLY A 124 -7.51 -17.12 18.89
CA GLY A 124 -8.25 -17.58 20.04
C GLY A 124 -7.45 -18.30 21.10
N PHE A 125 -6.13 -18.35 20.93
CA PHE A 125 -5.27 -18.97 21.93
C PHE A 125 -4.68 -17.91 22.85
N LYS A 126 -5.55 -17.19 23.56
CA LYS A 126 -5.13 -16.07 24.40
C LYS A 126 -4.26 -16.50 25.58
N ASP A 127 -4.60 -17.61 26.22
CA ASP A 127 -3.82 -18.07 27.37
C ASP A 127 -2.41 -18.46 26.92
N GLU A 128 -2.33 -19.19 25.81
CA GLU A 128 -1.06 -19.58 25.23
C GLU A 128 -0.23 -18.36 24.82
N ALA A 129 -0.89 -17.35 24.26
CA ALA A 129 -0.19 -16.14 23.86
C ALA A 129 0.48 -15.47 25.06
N MSE A 130 -0.21 -15.48 26.20
CA MSE A 130 0.33 -14.88 27.42
C MSE A 130 1.48 -15.71 28.00
O MSE A 130 2.46 -15.17 28.48
CB MSE A 130 -0.77 -14.70 28.47
CG MSE A 130 -0.29 -14.03 29.74
SE MSE A 130 0.36 -12.22 29.36
CE MSE A 130 -1.34 -11.41 28.88
N GLU A 131 1.33 -17.04 27.97
CA GLU A 131 2.39 -17.93 28.44
C GLU A 131 3.68 -17.71 27.66
N VAL A 132 3.52 -17.50 26.35
CA VAL A 132 4.65 -17.20 25.47
C VAL A 132 5.28 -15.84 25.81
N LEU A 133 4.45 -14.80 25.94
CA LEU A 133 4.94 -13.46 26.20
C LEU A 133 5.63 -13.33 27.56
N ARG A 134 5.19 -14.12 28.52
CA ARG A 134 5.76 -14.03 29.87
C ARG A 134 7.23 -14.48 29.91
N LEU A 135 7.74 -15.02 28.81
CA LEU A 135 9.16 -15.34 28.69
C LEU A 135 10.06 -14.09 28.74
N TYR A 136 9.46 -12.92 28.52
CA TYR A 136 10.19 -11.66 28.67
C TYR A 136 9.47 -10.75 29.65
N LYS A 137 10.20 -9.92 30.37
CA LYS A 137 9.55 -9.05 31.34
C LYS A 137 8.64 -8.05 30.64
N TRP A 138 9.02 -7.65 29.43
CA TRP A 138 8.26 -6.67 28.64
C TRP A 138 7.15 -7.33 27.81
N GLY A 139 7.14 -8.67 27.80
CA GLY A 139 6.20 -9.42 26.98
C GLY A 139 4.72 -9.12 27.16
N PRO A 140 4.20 -9.27 28.39
CA PRO A 140 2.77 -9.03 28.62
C PRO A 140 2.30 -7.64 28.19
N ASN A 141 3.19 -6.65 28.26
CA ASN A 141 2.87 -5.29 27.85
C ASN A 141 2.49 -5.19 26.36
N PHE A 142 2.92 -6.16 25.57
CA PHE A 142 2.55 -6.21 24.16
C PHE A 142 1.05 -6.28 23.98
N ILE A 143 0.39 -7.09 24.81
CA ILE A 143 -1.06 -7.18 24.77
C ILE A 143 -1.70 -5.92 25.34
N ILE A 144 -1.14 -5.41 26.44
CA ILE A 144 -1.65 -4.18 27.06
C ILE A 144 -1.72 -3.01 26.09
N ILE A 145 -0.60 -2.71 25.42
CA ILE A 145 -0.56 -1.53 24.56
C ILE A 145 -1.31 -1.77 23.26
N ASN A 146 -1.58 -3.03 22.92
CA ASN A 146 -2.34 -3.35 21.71
C ASN A 146 -3.76 -3.83 21.99
N GLN A 147 -4.20 -3.72 23.25
CA GLN A 147 -5.43 -4.36 23.71
C GLN A 147 -6.65 -4.02 22.85
N LYS A 148 -6.85 -2.73 22.58
CA LYS A 148 -8.01 -2.29 21.82
C LYS A 148 -8.00 -2.79 20.37
N TYR A 149 -6.82 -2.90 19.79
CA TYR A 149 -6.69 -3.39 18.42
C TYR A 149 -6.91 -4.90 18.39
N LEU A 150 -6.24 -5.60 19.30
CA LEU A 150 -6.33 -7.05 19.39
C LEU A 150 -7.76 -7.54 19.62
N GLU A 151 -8.52 -6.79 20.41
CA GLU A 151 -9.93 -7.12 20.66
C GLU A 151 -10.72 -7.14 19.37
N ARG A 152 -10.47 -6.15 18.51
CA ARG A 152 -11.13 -6.09 17.21
CA ARG A 152 -11.15 -6.10 17.22
C ARG A 152 -10.59 -7.16 16.26
N TYR A 153 -9.27 -7.31 16.23
CA TYR A 153 -8.65 -8.31 15.36
C TYR A 153 -9.12 -9.73 15.70
N ALA A 154 -9.26 -10.01 17.00
CA ALA A 154 -9.70 -11.33 17.45
C ALA A 154 -11.17 -11.56 17.15
N ALA A 155 -11.89 -10.48 16.86
CA ALA A 155 -13.30 -10.57 16.51
C ALA A 155 -13.49 -10.48 15.00
N GLY A 156 -12.39 -10.57 14.27
CA GLY A 156 -12.42 -10.56 12.82
C GLY A 156 -12.60 -9.18 12.21
N ASP A 157 -12.40 -8.13 13.02
CA ASP A 157 -12.60 -6.77 12.55
C ASP A 157 -11.26 -6.05 12.32
N LEU A 158 -10.97 -5.73 11.08
CA LEU A 158 -9.68 -5.15 10.70
C LEU A 158 -9.72 -3.63 10.54
N SER A 159 -10.84 -3.01 10.91
CA SER A 159 -10.97 -1.56 10.82
C SER A 159 -9.94 -0.73 11.60
N PRO A 160 -9.35 -1.26 12.70
CA PRO A 160 -8.32 -0.44 13.34
C PRO A 160 -7.09 -0.06 12.49
N GLU A 161 -6.77 -0.85 11.46
CA GLU A 161 -5.49 -0.69 10.77
C GLU A 161 -5.26 0.69 10.15
N ARG A 162 -6.23 1.18 9.40
CA ARG A 162 -6.06 2.44 8.69
C ARG A 162 -5.91 3.62 9.64
N GLU A 163 -6.65 3.60 10.73
CA GLU A 163 -6.54 4.68 11.71
C GLU A 163 -5.24 4.59 12.48
N LEU A 164 -4.80 3.38 12.78
CA LEU A 164 -3.57 3.18 13.52
C LEU A 164 -2.35 3.55 12.67
N LEU A 165 -2.32 3.12 11.42
CA LEU A 165 -1.21 3.47 10.54
C LEU A 165 -1.35 4.90 10.02
N GLY A 166 -2.59 5.38 9.94
CA GLY A 166 -2.84 6.75 9.55
C GLY A 166 -2.84 6.96 8.05
N VAL A 167 -3.04 5.87 7.30
CA VAL A 167 -3.11 5.94 5.84
C VAL A 167 -4.27 5.09 5.32
N ASP A 168 -4.88 5.53 4.22
CA ASP A 168 -5.83 4.70 3.52
C ASP A 168 -5.11 3.61 2.74
N ASP A 169 -3.96 3.97 2.19
CA ASP A 169 -3.17 3.06 1.38
C ASP A 169 -2.25 2.27 2.31
N VAL A 170 -2.82 1.27 2.98
CA VAL A 170 -2.08 0.45 3.94
C VAL A 170 -0.93 -0.30 3.27
N ASP A 171 -1.19 -0.87 2.09
CA ASP A 171 -0.17 -1.63 1.36
C ASP A 171 1.12 -0.83 1.19
N ASN A 172 1.02 0.40 0.70
CA ASN A 172 2.20 1.23 0.50
C ASN A 172 2.91 1.54 1.82
N GLY A 173 2.11 1.77 2.85
CA GLY A 173 2.63 2.08 4.17
C GLY A 173 3.45 0.94 4.74
N LEU A 174 2.93 -0.27 4.63
CA LEU A 174 3.64 -1.45 5.13
C LEU A 174 4.92 -1.69 4.33
N GLU A 175 4.85 -1.53 3.02
CA GLU A 175 6.02 -1.71 2.16
C GLU A 175 7.13 -0.74 2.55
N GLN A 176 6.75 0.47 2.94
CA GLN A 176 7.74 1.48 3.31
C GLN A 176 8.38 1.22 4.67
N LEU A 177 7.58 0.79 5.64
CA LEU A 177 8.12 0.46 6.97
C LEU A 177 9.21 -0.59 6.87
N MSE A 178 9.03 -1.53 5.96
CA MSE A 178 10.01 -2.60 5.78
C MSE A 178 11.18 -2.16 4.91
O MSE A 178 12.32 -2.60 5.10
CB MSE A 178 9.36 -3.84 5.20
CG MSE A 178 8.53 -4.60 6.21
SE MSE A 178 7.69 -6.15 5.41
CE MSE A 178 6.62 -5.24 4.06
N ARG A 179 10.90 -1.29 3.93
CA ARG A 179 11.94 -0.74 3.07
C ARG A 179 13.00 -0.04 3.90
N VAL A 180 12.56 0.63 4.96
CA VAL A 180 13.45 1.32 5.88
C VAL A 180 14.49 0.36 6.48
N LEU A 181 14.03 -0.83 6.86
CA LEU A 181 14.90 -1.82 7.47
C LEU A 181 15.74 -2.55 6.43
N THR A 182 15.16 -2.75 5.25
CA THR A 182 15.87 -3.38 4.15
C THR A 182 17.09 -2.56 3.75
N ASN A 183 16.90 -1.24 3.69
CA ASN A 183 17.93 -0.34 3.17
C ASN A 183 18.81 0.31 4.23
N GLY A 184 18.63 -0.09 5.48
CA GLY A 184 19.38 0.50 6.57
C GLY A 184 19.98 -0.53 7.52
N MSE B 1 -21.83 7.89 -8.17
CA MSE B 1 -20.92 8.15 -9.27
C MSE B 1 -19.88 7.05 -9.40
O MSE B 1 -19.11 6.81 -8.47
CB MSE B 1 -20.23 9.52 -9.09
CG MSE B 1 -19.27 9.88 -10.21
SE MSE B 1 -20.16 10.21 -11.91
CE MSE B 1 -18.63 10.86 -12.94
N ILE B 2 -19.86 6.39 -10.55
CA ILE B 2 -18.92 5.31 -10.80
C ILE B 2 -17.47 5.79 -10.64
N PRO B 3 -16.63 5.00 -9.97
CA PRO B 3 -15.21 5.32 -9.95
C PRO B 3 -14.61 5.18 -11.33
N ARG B 4 -13.47 5.80 -11.58
CA ARG B 4 -12.80 5.64 -12.86
C ARG B 4 -12.21 4.23 -12.98
N VAL B 5 -12.59 3.54 -14.05
CA VAL B 5 -12.09 2.19 -14.30
C VAL B 5 -11.13 2.20 -15.49
N PHE B 6 -9.96 1.60 -15.29
CA PHE B 6 -8.94 1.54 -16.33
C PHE B 6 -8.58 0.10 -16.64
N ILE B 7 -8.51 -0.24 -17.93
CA ILE B 7 -8.24 -1.60 -18.34
C ILE B 7 -7.09 -1.67 -19.34
N TYR B 8 -6.11 -2.53 -19.04
CA TYR B 8 -5.13 -2.90 -20.05
C TYR B 8 -5.54 -4.23 -20.65
N ARG B 9 -5.70 -4.26 -21.96
CA ARG B 9 -6.16 -5.47 -22.63
C ARG B 9 -5.07 -6.11 -23.48
N LEU B 10 -4.76 -7.36 -23.18
CA LEU B 10 -3.95 -8.16 -24.08
C LEU B 10 -4.83 -8.62 -25.22
N PRO B 11 -4.67 -8.02 -26.41
CA PRO B 11 -5.64 -8.26 -27.50
C PRO B 11 -5.43 -9.57 -28.22
N GLN B 12 -5.53 -10.67 -27.47
CA GLN B 12 -5.49 -12.00 -28.05
C GLN B 12 -6.81 -12.73 -27.79
N ASP B 13 -7.86 -12.26 -28.49
CA ASP B 13 -9.21 -12.79 -28.38
C ASP B 13 -10.08 -12.05 -29.38
N ASP B 14 -11.17 -12.68 -29.82
CA ASP B 14 -12.12 -12.02 -30.71
C ASP B 14 -12.77 -10.87 -29.94
N PRO B 15 -12.47 -9.62 -30.35
CA PRO B 15 -12.93 -8.43 -29.64
C PRO B 15 -14.44 -8.36 -29.48
N ARG B 16 -15.17 -8.96 -30.41
CA ARG B 16 -16.62 -8.91 -30.42
C ARG B 16 -17.25 -9.80 -29.35
N LYS B 17 -16.45 -10.67 -28.75
CA LYS B 17 -16.94 -11.59 -27.72
C LYS B 17 -16.34 -11.27 -26.36
N ASN B 18 -15.47 -10.27 -26.33
CA ASN B 18 -14.79 -9.86 -25.11
C ASN B 18 -15.62 -8.85 -24.31
N THR B 19 -15.77 -9.06 -23.01
CA THR B 19 -16.68 -8.22 -22.23
C THR B 19 -16.03 -6.88 -21.87
N ALA B 20 -14.71 -6.82 -21.86
CA ALA B 20 -14.01 -5.57 -21.56
C ALA B 20 -14.20 -4.57 -22.69
N ILE B 21 -14.13 -5.04 -23.92
CA ILE B 21 -14.38 -4.20 -25.09
C ILE B 21 -15.76 -3.53 -25.01
N LYS B 22 -16.75 -4.30 -24.55
CA LYS B 22 -18.11 -3.78 -24.43
C LYS B 22 -18.22 -2.73 -23.33
N LEU B 23 -17.58 -2.97 -22.19
CA LEU B 23 -17.44 -1.96 -21.13
C LEU B 23 -16.90 -0.65 -21.67
N VAL B 24 -15.83 -0.74 -22.45
CA VAL B 24 -15.16 0.44 -22.99
C VAL B 24 -16.06 1.13 -24.01
N ARG B 25 -16.73 0.34 -24.84
CA ARG B 25 -17.61 0.86 -25.89
C ARG B 25 -18.71 1.73 -25.30
N PHE B 26 -19.18 1.39 -24.10
CA PHE B 26 -20.25 2.15 -23.46
C PHE B 26 -19.73 3.16 -22.43
N GLY B 27 -18.42 3.31 -22.34
CA GLY B 27 -17.83 4.34 -21.49
C GLY B 27 -17.77 4.08 -20.00
N PHE B 28 -17.95 2.82 -19.60
CA PHE B 28 -17.80 2.44 -18.19
C PHE B 28 -16.34 2.37 -17.78
N ALA B 29 -15.47 2.22 -18.77
CA ALA B 29 -14.04 2.09 -18.52
C ALA B 29 -13.27 2.62 -19.72
N GLN B 30 -11.98 2.85 -19.54
CA GLN B 30 -11.15 3.27 -20.66
C GLN B 30 -9.93 2.35 -20.81
N LEU B 31 -9.59 2.02 -22.05
CA LEU B 31 -8.39 1.24 -22.33
C LEU B 31 -7.15 2.11 -22.18
N VAL B 32 -6.07 1.49 -21.70
CA VAL B 32 -4.76 2.15 -21.69
C VAL B 32 -3.81 1.32 -22.54
N ASP B 33 -2.71 1.92 -22.98
CA ASP B 33 -1.86 1.25 -23.97
C ASP B 33 -0.84 0.31 -23.34
N SER B 34 -0.72 0.35 -22.02
CA SER B 34 0.24 -0.50 -21.32
C SER B 34 -0.09 -0.63 -19.84
N ILE B 35 0.51 -1.60 -19.18
CA ILE B 35 0.31 -1.79 -17.75
C ILE B 35 0.87 -0.58 -16.98
N LYS B 36 1.95 0.00 -17.51
CA LYS B 36 2.55 1.18 -16.91
C LYS B 36 1.60 2.38 -16.93
N ALA B 37 0.68 2.38 -17.89
CA ALA B 37 -0.27 3.49 -18.04
C ALA B 37 -1.44 3.38 -17.08
N LEU B 38 -1.63 2.21 -16.46
CA LEU B 38 -2.64 2.06 -15.43
C LEU B 38 -2.24 2.95 -14.26
N PRO B 39 -3.22 3.54 -13.56
CA PRO B 39 -2.89 4.51 -12.51
C PRO B 39 -2.21 3.88 -11.28
N SER B 40 -1.08 4.44 -10.88
CA SER B 40 -0.39 3.98 -9.67
C SER B 40 -1.23 4.26 -8.43
N GLY B 41 -1.19 3.34 -7.47
CA GLY B 41 -1.92 3.54 -6.23
C GLY B 41 -3.39 3.20 -6.35
N SER B 42 -3.82 2.77 -7.53
CA SER B 42 -5.19 2.32 -7.71
C SER B 42 -5.37 0.90 -7.18
N ILE B 43 -6.62 0.53 -6.92
CA ILE B 43 -6.96 -0.88 -6.74
C ILE B 43 -6.77 -1.59 -8.07
N ILE B 44 -6.04 -2.69 -8.08
CA ILE B 44 -6.04 -3.54 -9.27
C ILE B 44 -6.63 -4.89 -8.90
N LEU B 45 -7.64 -5.32 -9.65
CA LEU B 45 -8.16 -6.65 -9.48
C LEU B 45 -7.09 -7.63 -9.92
N ASP B 46 -6.91 -8.69 -9.13
CA ASP B 46 -5.86 -9.65 -9.40
C ASP B 46 -6.29 -10.97 -8.79
N PRO B 47 -6.70 -11.92 -9.63
CA PRO B 47 -7.17 -13.23 -9.15
C PRO B 47 -6.05 -14.11 -8.59
N THR B 48 -4.79 -13.71 -8.75
CA THR B 48 -3.68 -14.53 -8.28
C THR B 48 -3.23 -14.21 -6.85
N VAL B 49 -3.71 -13.11 -6.28
CA VAL B 49 -3.34 -12.78 -4.90
C VAL B 49 -4.41 -13.33 -3.95
N LYS B 50 -4.10 -13.35 -2.65
CA LYS B 50 -5.00 -13.96 -1.67
C LYS B 50 -5.79 -12.91 -0.88
N THR B 51 -5.47 -11.64 -1.08
CA THR B 51 -6.10 -10.56 -0.32
C THR B 51 -7.41 -10.13 -0.98
N PRO B 52 -8.55 -10.40 -0.33
CA PRO B 52 -9.84 -10.07 -0.94
C PRO B 52 -10.21 -8.59 -0.84
N LEU B 53 -10.85 -8.09 -1.88
CA LEU B 53 -11.44 -6.76 -1.90
C LEU B 53 -12.48 -6.62 -0.78
N THR B 54 -12.46 -5.48 -0.09
CA THR B 54 -13.44 -5.20 0.97
C THR B 54 -14.08 -3.84 0.72
N PRO B 55 -15.23 -3.57 1.37
CA PRO B 55 -15.92 -2.28 1.18
C PRO B 55 -15.03 -1.06 1.41
N SER B 56 -14.12 -1.15 2.39
CA SER B 56 -13.29 0.00 2.73
C SER B 56 -12.30 0.36 1.63
N ASP B 57 -12.13 -0.52 0.64
CA ASP B 57 -11.31 -0.21 -0.53
C ASP B 57 -11.95 0.86 -1.42
N ARG B 58 -13.22 1.16 -1.16
CA ARG B 58 -13.93 2.24 -1.86
C ARG B 58 -13.13 3.55 -1.89
N VAL B 59 -12.51 3.89 -0.76
CA VAL B 59 -11.84 5.18 -0.63
C VAL B 59 -10.69 5.30 -1.64
N ILE B 60 -10.00 4.18 -1.88
CA ILE B 60 -8.92 4.13 -2.87
C ILE B 60 -9.47 4.19 -4.30
N ALA B 61 -10.52 3.44 -4.57
CA ALA B 61 -11.17 3.45 -5.88
C ALA B 61 -11.64 4.84 -6.27
N GLU B 62 -12.18 5.58 -5.30
CA GLU B 62 -12.64 6.94 -5.52
C GLU B 62 -11.50 7.90 -5.84
N SER B 63 -10.37 7.74 -5.15
CA SER B 63 -9.30 8.71 -5.22
C SER B 63 -8.22 8.37 -6.25
N ARG B 64 -7.98 7.09 -6.50
CA ARG B 64 -6.96 6.67 -7.46
C ARG B 64 -7.55 5.95 -8.66
N GLY B 65 -8.67 5.28 -8.46
CA GLY B 65 -9.31 4.55 -9.55
C GLY B 65 -9.26 3.05 -9.37
N LEU B 66 -9.83 2.32 -10.33
CA LEU B 66 -9.86 0.86 -10.32
C LEU B 66 -9.25 0.32 -11.61
N SER B 67 -8.25 -0.54 -11.48
CA SER B 67 -7.53 -1.06 -12.64
C SER B 67 -7.77 -2.55 -12.83
N LEU B 68 -7.71 -2.99 -14.09
CA LEU B 68 -7.82 -4.41 -14.41
C LEU B 68 -6.96 -4.73 -15.63
N ILE B 69 -6.47 -5.97 -15.68
CA ILE B 69 -5.87 -6.49 -16.88
C ILE B 69 -6.83 -7.48 -17.52
N ASP B 70 -7.19 -7.24 -18.76
CA ASP B 70 -8.04 -8.17 -19.50
C ASP B 70 -7.17 -9.06 -20.39
N CYS B 71 -7.23 -10.37 -20.14
CA CYS B 71 -6.46 -11.33 -20.93
C CYS B 71 -7.21 -12.64 -20.92
N SER B 72 -6.68 -13.67 -21.57
CA SER B 72 -7.32 -14.98 -21.49
C SER B 72 -7.04 -15.57 -20.12
N TRP B 73 -7.95 -16.43 -19.63
CA TRP B 73 -7.72 -17.09 -18.35
C TRP B 73 -6.54 -18.04 -18.43
N LYS B 74 -6.25 -18.56 -19.62
CA LYS B 74 -5.11 -19.44 -19.82
C LYS B 74 -3.79 -18.72 -19.54
N ARG B 75 -3.77 -17.40 -19.76
CA ARG B 75 -2.56 -16.61 -19.54
C ARG B 75 -2.61 -15.77 -18.26
N ALA B 76 -3.75 -15.79 -17.56
CA ALA B 76 -3.98 -14.86 -16.45
C ALA B 76 -2.95 -14.96 -15.33
N VAL B 77 -2.59 -16.19 -14.96
CA VAL B 77 -1.66 -16.37 -13.85
C VAL B 77 -0.29 -15.81 -14.22
N ASP B 78 0.21 -16.20 -15.39
CA ASP B 78 1.51 -15.72 -15.87
C ASP B 78 1.57 -14.20 -15.95
N VAL B 79 0.53 -13.58 -16.51
CA VAL B 79 0.53 -12.13 -16.72
C VAL B 79 0.51 -11.36 -15.40
N HIS B 80 -0.38 -11.74 -14.50
CA HIS B 80 -0.49 -11.04 -13.22
C HIS B 80 0.73 -11.25 -12.33
N THR B 81 1.29 -12.45 -12.34
CA THR B 81 2.41 -12.75 -11.45
C THR B 81 3.69 -12.06 -11.91
N LYS B 82 3.85 -11.86 -13.22
CA LYS B 82 5.11 -11.38 -13.74
C LYS B 82 5.15 -9.88 -14.04
N PHE B 83 3.99 -9.23 -14.17
CA PHE B 83 3.99 -7.86 -14.68
C PHE B 83 3.40 -6.77 -13.78
N ILE B 84 2.91 -7.12 -12.60
CA ILE B 84 2.44 -6.06 -11.68
C ILE B 84 3.04 -6.21 -10.29
N ARG B 85 3.98 -5.33 -9.96
CA ARG B 85 4.63 -5.35 -8.65
C ARG B 85 4.75 -3.96 -8.04
N GLY B 86 4.28 -3.83 -6.80
CA GLY B 86 4.46 -2.60 -6.02
C GLY B 86 3.57 -1.43 -6.41
N LYS B 87 3.28 -1.31 -7.70
CA LYS B 87 2.59 -0.16 -8.27
C LYS B 87 1.13 -0.02 -7.79
N PHE B 88 0.51 -1.15 -7.45
CA PHE B 88 -0.93 -1.17 -7.19
C PHE B 88 -1.29 -1.69 -5.81
N ILE B 89 -2.55 -1.51 -5.44
CA ILE B 89 -3.15 -2.23 -4.33
C ILE B 89 -3.88 -3.44 -4.88
N ARG B 90 -3.23 -4.60 -4.77
CA ARG B 90 -3.68 -5.82 -5.44
C ARG B 90 -4.70 -6.57 -4.60
N ARG B 91 -5.87 -6.80 -5.19
CA ARG B 91 -6.96 -7.48 -4.49
C ARG B 91 -7.66 -8.51 -5.37
N ARG B 92 -7.87 -9.71 -4.84
CA ARG B 92 -8.73 -10.66 -5.53
C ARG B 92 -10.15 -10.33 -5.15
N LEU B 93 -11.11 -10.85 -5.92
CA LEU B 93 -12.49 -10.73 -5.50
C LEU B 93 -12.80 -11.83 -4.51
N PRO B 94 -13.68 -11.54 -3.54
CA PRO B 94 -14.22 -12.62 -2.71
C PRO B 94 -14.97 -13.61 -3.59
N LEU B 95 -15.13 -14.84 -3.10
CA LEU B 95 -15.63 -15.93 -3.91
C LEU B 95 -17.06 -15.72 -4.40
N LEU B 96 -17.23 -15.75 -5.72
CA LEU B 96 -18.53 -15.54 -6.35
C LEU B 96 -18.75 -16.55 -7.45
N ILE B 97 -20.01 -16.73 -7.82
CA ILE B 97 -20.39 -17.72 -8.83
C ILE B 97 -20.61 -17.00 -10.17
N ALA B 98 -19.99 -17.52 -11.23
CA ALA B 98 -20.14 -16.91 -12.55
C ALA B 98 -21.54 -17.11 -13.09
N ALA B 99 -22.05 -16.11 -13.80
CA ALA B 99 -23.39 -16.17 -14.39
C ALA B 99 -23.35 -16.13 -15.91
N ASN B 100 -22.17 -15.92 -16.48
CA ASN B 100 -22.03 -15.86 -17.94
C ASN B 100 -22.25 -17.25 -18.55
N PRO B 101 -22.66 -17.32 -19.83
CA PRO B 101 -23.01 -18.58 -20.47
C PRO B 101 -21.87 -19.60 -20.54
N THR B 102 -20.62 -19.13 -20.57
CA THR B 102 -19.48 -20.03 -20.68
C THR B 102 -19.21 -20.81 -19.40
N HIS B 103 -19.22 -20.11 -18.27
CA HIS B 103 -18.84 -20.73 -17.00
C HIS B 103 -19.95 -20.70 -15.96
N TYR B 104 -21.20 -20.67 -16.43
CA TYR B 104 -22.35 -20.54 -15.52
C TYR B 104 -22.30 -21.55 -14.37
N GLY B 105 -22.43 -21.04 -13.15
CA GLY B 105 -22.53 -21.90 -11.99
C GLY B 105 -21.20 -22.23 -11.33
N LYS B 106 -20.10 -21.84 -11.97
CA LYS B 106 -18.78 -22.21 -11.47
C LYS B 106 -18.13 -21.07 -10.68
N PRO B 107 -17.43 -21.42 -9.60
CA PRO B 107 -16.87 -20.43 -8.67
C PRO B 107 -15.62 -19.70 -9.16
N TYR B 108 -15.53 -18.42 -8.80
CA TYR B 108 -14.31 -17.61 -8.84
C TYR B 108 -13.90 -17.10 -10.21
N ILE B 109 -14.06 -17.92 -11.24
CA ILE B 109 -13.57 -17.57 -12.56
C ILE B 109 -14.60 -16.71 -13.30
N LEU B 110 -14.46 -15.39 -13.15
CA LEU B 110 -15.46 -14.46 -13.66
C LEU B 110 -15.04 -13.80 -14.96
N SER B 111 -16.01 -13.36 -15.75
CA SER B 111 -15.74 -12.50 -16.90
C SER B 111 -15.24 -11.15 -16.39
N THR B 112 -14.59 -10.38 -17.25
CA THR B 112 -14.10 -9.07 -16.86
C THR B 112 -15.25 -8.18 -16.41
N ILE B 113 -16.38 -8.24 -17.11
CA ILE B 113 -17.50 -7.37 -16.76
C ILE B 113 -18.15 -7.78 -15.43
N GLU B 114 -18.18 -9.07 -15.13
CA GLU B 114 -18.70 -9.54 -13.86
C GLU B 114 -17.80 -9.11 -12.72
N ALA B 115 -16.50 -9.12 -12.97
CA ALA B 115 -15.54 -8.74 -11.95
C ALA B 115 -15.64 -7.25 -11.63
N VAL B 116 -15.80 -6.44 -12.68
CA VAL B 116 -15.98 -5.01 -12.49
C VAL B 116 -17.24 -4.76 -11.66
N ALA B 117 -18.34 -5.42 -12.03
CA ALA B 117 -19.60 -5.24 -11.33
C ALA B 117 -19.52 -5.70 -9.87
N ALA B 118 -18.88 -6.85 -9.64
CA ALA B 118 -18.70 -7.35 -8.29
C ALA B 118 -17.90 -6.36 -7.43
N ALA B 119 -16.82 -5.84 -8.00
CA ALA B 119 -15.98 -4.87 -7.29
C ALA B 119 -16.79 -3.63 -6.93
N LEU B 120 -17.54 -3.11 -7.90
CA LEU B 120 -18.39 -1.95 -7.67
C LEU B 120 -19.40 -2.20 -6.57
N TYR B 121 -20.08 -3.34 -6.64
CA TYR B 121 -21.10 -3.71 -5.66
C TYR B 121 -20.51 -3.75 -4.26
N ILE B 122 -19.40 -4.46 -4.12
CA ILE B 122 -18.74 -4.63 -2.82
C ILE B 122 -18.35 -3.28 -2.23
N MSE B 123 -17.94 -2.36 -3.10
CA MSE B 123 -17.50 -1.05 -2.63
C MSE B 123 -18.64 -0.03 -2.53
O MSE B 123 -18.41 1.17 -2.36
CB MSE B 123 -16.39 -0.52 -3.54
CG MSE B 123 -15.12 -1.37 -3.47
SE MSE B 123 -13.61 -0.64 -4.45
CE MSE B 123 -14.37 -0.62 -6.24
N GLY B 124 -19.88 -0.52 -2.63
CA GLY B 124 -21.03 0.32 -2.39
C GLY B 124 -21.60 1.02 -3.61
N PHE B 125 -21.09 0.70 -4.79
CA PHE B 125 -21.62 1.26 -6.02
C PHE B 125 -22.61 0.28 -6.65
N LYS B 126 -23.70 0.00 -5.94
CA LYS B 126 -24.64 -1.03 -6.36
C LYS B 126 -25.38 -0.65 -7.63
N ASP B 127 -25.76 0.63 -7.74
CA ASP B 127 -26.50 1.10 -8.91
C ASP B 127 -25.63 1.01 -10.15
N GLU B 128 -24.38 1.44 -10.01
CA GLU B 128 -23.41 1.36 -11.11
C GLU B 128 -23.14 -0.10 -11.50
N ALA B 129 -23.06 -0.98 -10.51
CA ALA B 129 -22.84 -2.40 -10.78
C ALA B 129 -23.95 -2.94 -11.68
N MSE B 130 -25.19 -2.53 -11.42
CA MSE B 130 -26.33 -3.02 -12.19
C MSE B 130 -26.36 -2.42 -13.59
O MSE B 130 -26.68 -3.11 -14.55
CB MSE B 130 -27.64 -2.70 -11.46
CG MSE B 130 -28.87 -3.23 -12.20
SE MSE B 130 -28.81 -5.19 -12.30
CE MSE B 130 -29.02 -5.56 -10.40
N GLU B 131 -26.02 -1.13 -13.70
CA GLU B 131 -25.93 -0.48 -15.01
C GLU B 131 -24.92 -1.19 -15.90
N VAL B 132 -23.81 -1.60 -15.30
CA VAL B 132 -22.78 -2.34 -16.00
C VAL B 132 -23.28 -3.73 -16.43
N LEU B 133 -23.90 -4.46 -15.52
CA LEU B 133 -24.37 -5.82 -15.79
C LEU B 133 -25.48 -5.86 -16.85
N ARG B 134 -26.29 -4.82 -16.90
CA ARG B 134 -27.41 -4.80 -17.82
C ARG B 134 -26.95 -4.75 -19.29
N LEU B 135 -25.65 -4.58 -19.52
CA LEU B 135 -25.10 -4.68 -20.88
C LEU B 135 -25.22 -6.08 -21.48
N TYR B 136 -25.48 -7.09 -20.64
CA TYR B 136 -25.75 -8.44 -21.12
C TYR B 136 -27.09 -8.92 -20.57
N LYS B 137 -27.78 -9.77 -21.32
CA LYS B 137 -29.08 -10.23 -20.85
C LYS B 137 -28.91 -11.06 -19.58
N TRP B 138 -27.80 -11.78 -19.47
CA TRP B 138 -27.53 -12.65 -18.32
C TRP B 138 -26.88 -11.90 -17.16
N GLY B 139 -26.54 -10.63 -17.40
CA GLY B 139 -25.81 -9.82 -16.43
C GLY B 139 -26.45 -9.66 -15.07
N PRO B 140 -27.69 -9.17 -15.00
CA PRO B 140 -28.33 -8.96 -13.70
C PRO B 140 -28.42 -10.24 -12.87
N ASN B 141 -28.49 -11.39 -13.53
CA ASN B 141 -28.58 -12.67 -12.82
C ASN B 141 -27.32 -12.95 -11.99
N PHE B 142 -26.21 -12.31 -12.32
CA PHE B 142 -24.98 -12.42 -11.54
C PHE B 142 -25.20 -12.00 -10.09
N ILE B 143 -25.92 -10.89 -9.90
CA ILE B 143 -26.24 -10.43 -8.57
C ILE B 143 -27.27 -11.36 -7.90
N ILE B 144 -28.28 -11.78 -8.66
CA ILE B 144 -29.31 -12.67 -8.13
C ILE B 144 -28.73 -13.95 -7.54
N ILE B 145 -27.91 -14.67 -8.32
CA ILE B 145 -27.41 -15.96 -7.85
C ILE B 145 -26.32 -15.80 -6.80
N ASN B 146 -25.76 -14.60 -6.68
CA ASN B 146 -24.75 -14.33 -5.66
C ASN B 146 -25.25 -13.45 -4.51
N GLN B 147 -26.56 -13.22 -4.47
CA GLN B 147 -27.13 -12.17 -3.61
C GLN B 147 -26.74 -12.29 -2.14
N LYS B 148 -26.85 -13.50 -1.59
CA LYS B 148 -26.61 -13.68 -0.17
C LYS B 148 -25.12 -13.54 0.18
N TYR B 149 -24.25 -13.94 -0.75
CA TYR B 149 -22.80 -13.75 -0.56
C TYR B 149 -22.45 -12.27 -0.64
N LEU B 150 -22.93 -11.61 -1.70
CA LEU B 150 -22.66 -10.20 -1.93
C LEU B 150 -23.12 -9.33 -0.78
N GLU B 151 -24.26 -9.67 -0.19
CA GLU B 151 -24.78 -8.93 0.95
C GLU B 151 -23.79 -8.97 2.11
N ARG B 152 -23.19 -10.13 2.33
CA ARG B 152 -22.20 -10.27 3.39
CA ARG B 152 -22.19 -10.29 3.38
C ARG B 152 -20.88 -9.59 3.00
N TYR B 153 -20.44 -9.81 1.75
CA TYR B 153 -19.20 -9.20 1.29
C TYR B 153 -19.25 -7.67 1.34
N ALA B 154 -20.41 -7.11 0.99
CA ALA B 154 -20.59 -5.66 0.98
C ALA B 154 -20.65 -5.10 2.40
N ALA B 155 -20.82 -5.98 3.38
CA ALA B 155 -20.84 -5.57 4.77
C ALA B 155 -19.52 -5.91 5.45
N GLY B 156 -18.52 -6.27 4.65
CA GLY B 156 -17.20 -6.61 5.15
C GLY B 156 -17.12 -7.95 5.84
N ASP B 157 -18.01 -8.87 5.47
CA ASP B 157 -18.04 -10.19 6.08
C ASP B 157 -17.66 -11.27 5.07
N LEU B 158 -16.49 -11.87 5.24
CA LEU B 158 -15.97 -12.84 4.29
C LEU B 158 -16.24 -14.30 4.68
N SER B 159 -17.02 -14.50 5.74
CA SER B 159 -17.37 -15.85 6.16
C SER B 159 -18.05 -16.75 5.12
N PRO B 160 -18.76 -16.19 4.12
CA PRO B 160 -19.31 -17.12 3.11
C PRO B 160 -18.30 -17.96 2.33
N GLU B 161 -17.05 -17.50 2.20
CA GLU B 161 -16.12 -18.13 1.26
C GLU B 161 -15.85 -19.60 1.51
N ARG B 162 -15.55 -19.98 2.75
CA ARG B 162 -15.21 -21.37 3.06
C ARG B 162 -16.37 -22.31 2.83
N GLU B 163 -17.57 -21.88 3.19
CA GLU B 163 -18.76 -22.68 2.99
C GLU B 163 -19.07 -22.82 1.51
N LEU B 164 -18.90 -21.73 0.78
CA LEU B 164 -19.21 -21.73 -0.65
C LEU B 164 -18.21 -22.58 -1.44
N LEU B 165 -16.92 -22.42 -1.16
CA LEU B 165 -15.90 -23.23 -1.82
C LEU B 165 -15.84 -24.65 -1.26
N GLY B 166 -16.21 -24.79 0.01
CA GLY B 166 -16.28 -26.10 0.64
C GLY B 166 -14.93 -26.58 1.16
N VAL B 167 -14.01 -25.64 1.37
CA VAL B 167 -12.68 -25.96 1.89
C VAL B 167 -12.26 -24.96 2.96
N ASP B 168 -11.51 -25.43 3.94
CA ASP B 168 -10.92 -24.52 4.91
C ASP B 168 -9.71 -23.84 4.30
N ASP B 169 -9.00 -24.58 3.45
CA ASP B 169 -7.79 -24.08 2.80
C ASP B 169 -8.20 -23.40 1.49
N VAL B 170 -8.74 -22.20 1.62
CA VAL B 170 -9.20 -21.44 0.46
C VAL B 170 -8.08 -21.15 -0.54
N ASP B 171 -6.90 -20.78 -0.04
CA ASP B 171 -5.75 -20.46 -0.88
C ASP B 171 -5.45 -21.58 -1.88
N ASN B 172 -5.33 -22.81 -1.38
CA ASN B 172 -5.07 -23.94 -2.26
C ASN B 172 -6.20 -24.16 -3.26
N GLY B 173 -7.43 -23.97 -2.81
CA GLY B 173 -8.60 -24.15 -3.64
C GLY B 173 -8.61 -23.18 -4.81
N LEU B 174 -8.34 -21.91 -4.52
CA LEU B 174 -8.30 -20.89 -5.56
C LEU B 174 -7.17 -21.15 -6.57
N GLU B 175 -6.01 -21.55 -6.05
CA GLU B 175 -4.86 -21.84 -6.91
C GLU B 175 -5.19 -22.99 -7.87
N GLN B 176 -5.93 -23.98 -7.39
CA GLN B 176 -6.29 -25.12 -8.23
C GLN B 176 -7.32 -24.76 -9.30
N LEU B 177 -8.32 -23.95 -8.95
CA LEU B 177 -9.33 -23.53 -9.92
C LEU B 177 -8.69 -22.83 -11.11
N MSE B 178 -7.64 -22.06 -10.86
CA MSE B 178 -6.94 -21.36 -11.94
C MSE B 178 -5.94 -22.26 -12.65
O MSE B 178 -5.73 -22.12 -13.84
CB MSE B 178 -6.24 -20.13 -11.39
CG MSE B 178 -7.19 -18.99 -11.08
SE MSE B 178 -6.25 -17.47 -10.35
CE MSE B 178 -5.53 -18.31 -8.73
N ARG B 179 -5.34 -23.18 -11.89
CA ARG B 179 -4.41 -24.17 -12.44
C ARG B 179 -5.07 -24.94 -13.58
N VAL B 180 -6.34 -25.28 -13.39
CA VAL B 180 -7.14 -25.97 -14.40
C VAL B 180 -7.16 -25.23 -15.73
N LEU B 181 -7.34 -23.91 -15.66
CA LEU B 181 -7.42 -23.08 -16.86
C LEU B 181 -6.04 -22.83 -17.45
N THR B 182 -5.04 -22.69 -16.58
CA THR B 182 -3.66 -22.49 -17.00
C THR B 182 -3.18 -23.67 -17.84
N ASN B 183 -3.50 -24.87 -17.40
CA ASN B 183 -3.00 -26.09 -18.01
C ASN B 183 -3.92 -26.70 -19.07
N GLY B 184 -5.08 -26.07 -19.28
CA GLY B 184 -6.06 -26.59 -20.22
C GLY B 184 -6.42 -25.60 -21.31
N MSE C 1 16.82 4.55 -5.75
CA MSE C 1 17.09 4.79 -4.33
C MSE C 1 16.87 6.24 -3.97
O MSE C 1 17.53 7.14 -4.50
CB MSE C 1 18.53 4.37 -3.99
CG MSE C 1 18.89 4.57 -2.52
SE MSE C 1 17.91 3.38 -1.31
CE MSE C 1 18.73 3.93 0.38
N ILE C 2 15.93 6.47 -3.05
CA ILE C 2 15.60 7.82 -2.62
C ILE C 2 16.82 8.55 -2.06
N PRO C 3 17.00 9.82 -2.45
CA PRO C 3 18.04 10.62 -1.81
C PRO C 3 17.69 10.87 -0.36
N ARG C 4 18.67 11.25 0.45
CA ARG C 4 18.42 11.57 1.84
C ARG C 4 17.72 12.92 1.95
N VAL C 5 16.56 12.93 2.59
CA VAL C 5 15.79 14.16 2.77
C VAL C 5 15.85 14.61 4.22
N PHE C 6 16.17 15.88 4.42
CA PHE C 6 16.28 16.46 5.76
C PHE C 6 15.32 17.62 5.92
N ILE C 7 14.62 17.66 7.04
CA ILE C 7 13.61 18.70 7.27
C ILE C 7 13.80 19.38 8.62
N TYR C 8 13.87 20.71 8.59
CA TYR C 8 13.75 21.47 9.81
C TYR C 8 12.31 21.97 9.92
N ARG C 9 11.64 21.59 11.00
CA ARG C 9 10.25 21.96 11.18
C ARG C 9 10.09 23.04 12.25
N LEU C 10 9.41 24.11 11.89
CA LEU C 10 8.93 25.09 12.87
C LEU C 10 7.62 24.56 13.45
N PRO C 11 7.64 24.09 14.71
CA PRO C 11 6.50 23.36 15.27
C PRO C 11 5.36 24.28 15.72
N GLN C 12 4.83 25.07 14.79
CA GLN C 12 3.65 25.87 15.10
C GLN C 12 2.51 25.45 14.19
N ASP C 13 2.02 24.23 14.42
CA ASP C 13 0.89 23.65 13.69
C ASP C 13 0.47 22.35 14.36
N ASP C 14 -0.76 21.93 14.15
CA ASP C 14 -1.20 20.63 14.62
C ASP C 14 -0.37 19.55 13.92
N PRO C 15 0.49 18.86 14.67
CA PRO C 15 1.42 17.87 14.10
C PRO C 15 0.70 16.77 13.34
N ARG C 16 -0.54 16.48 13.72
CA ARG C 16 -1.31 15.41 13.12
C ARG C 16 -1.83 15.77 11.72
N LYS C 17 -1.82 17.05 11.39
CA LYS C 17 -2.31 17.51 10.10
C LYS C 17 -1.16 17.93 9.19
N ASN C 18 0.04 17.93 9.73
CA ASN C 18 1.23 18.34 9.00
C ASN C 18 1.80 17.21 8.14
N THR C 19 2.10 17.48 6.88
CA THR C 19 2.52 16.41 5.96
C THR C 19 3.98 16.03 6.16
N ALA C 20 4.77 16.95 6.72
CA ALA C 20 6.18 16.65 6.98
C ALA C 20 6.32 15.62 8.11
N ILE C 21 5.48 15.76 9.13
CA ILE C 21 5.47 14.80 10.24
C ILE C 21 5.20 13.39 9.72
N LYS C 22 4.31 13.27 8.74
CA LYS C 22 3.96 11.98 8.17
C LYS C 22 5.11 11.40 7.34
N LEU C 23 5.77 12.24 6.55
CA LEU C 23 7.00 11.85 5.86
C LEU C 23 8.03 11.25 6.79
N VAL C 24 8.25 11.91 7.93
CA VAL C 24 9.23 11.49 8.89
C VAL C 24 8.80 10.19 9.57
N ARG C 25 7.51 10.09 9.86
CA ARG C 25 6.96 8.92 10.53
C ARG C 25 7.19 7.65 9.72
N PHE C 26 7.15 7.77 8.40
CA PHE C 26 7.36 6.62 7.52
C PHE C 26 8.80 6.50 7.00
N GLY C 27 9.68 7.37 7.50
CA GLY C 27 11.09 7.26 7.19
C GLY C 27 11.55 7.75 5.83
N PHE C 28 10.73 8.55 5.15
CA PHE C 28 11.14 9.17 3.89
C PHE C 28 12.07 10.34 4.13
N ALA C 29 12.02 10.90 5.34
CA ALA C 29 12.83 12.05 5.68
C ALA C 29 13.18 12.01 7.16
N GLN C 30 14.16 12.83 7.52
CA GLN C 30 14.63 12.91 8.90
C GLN C 30 14.50 14.35 9.41
N LEU C 31 13.93 14.52 10.59
CA LEU C 31 13.91 15.85 11.21
C LEU C 31 15.28 16.21 11.78
N VAL C 32 15.62 17.48 11.73
CA VAL C 32 16.83 17.99 12.37
C VAL C 32 16.43 19.09 13.36
N ASP C 33 17.30 19.40 14.31
CA ASP C 33 16.91 20.27 15.42
C ASP C 33 17.11 21.74 15.12
N SER C 34 17.74 22.05 13.99
CA SER C 34 17.99 23.44 13.61
C SER C 34 18.30 23.56 12.12
N ILE C 35 18.24 24.79 11.60
CA ILE C 35 18.59 25.05 10.22
C ILE C 35 20.08 24.77 10.00
N LYS C 36 20.88 25.03 11.02
CA LYS C 36 22.31 24.76 10.96
C LYS C 36 22.61 23.28 10.80
N ALA C 37 21.68 22.43 11.26
CA ALA C 37 21.87 20.99 11.22
C ALA C 37 21.54 20.41 9.85
N LEU C 38 20.85 21.19 9.01
CA LEU C 38 20.60 20.78 7.63
C LEU C 38 21.94 20.66 6.92
N PRO C 39 22.09 19.70 6.01
CA PRO C 39 23.40 19.48 5.39
C PRO C 39 23.84 20.61 4.46
N SER C 40 25.05 21.13 4.68
CA SER C 40 25.60 22.16 3.81
C SER C 40 25.85 21.61 2.41
N GLY C 41 25.60 22.43 1.39
CA GLY C 41 25.85 22.01 0.03
C GLY C 41 24.73 21.18 -0.54
N SER C 42 23.69 20.96 0.25
CA SER C 42 22.51 20.23 -0.24
C SER C 42 21.63 21.15 -1.08
N ILE C 43 20.74 20.56 -1.86
CA ILE C 43 19.64 21.31 -2.44
C ILE C 43 18.69 21.68 -1.31
N ILE C 44 18.33 22.95 -1.19
CA ILE C 44 17.23 23.30 -0.30
C ILE C 44 16.08 23.87 -1.13
N LEU C 45 14.90 23.28 -0.95
CA LEU C 45 13.72 23.85 -1.58
C LEU C 45 13.45 25.18 -0.92
N ASP C 46 13.13 26.17 -1.75
CA ASP C 46 12.93 27.53 -1.25
C ASP C 46 11.99 28.23 -2.22
N PRO C 47 10.72 28.41 -1.82
CA PRO C 47 9.73 29.04 -2.69
C PRO C 47 9.97 30.54 -2.89
N THR C 48 10.90 31.14 -2.15
CA THR C 48 11.12 32.59 -2.27
C THR C 48 12.20 32.97 -3.29
N VAL C 49 12.95 31.99 -3.78
CA VAL C 49 13.95 32.29 -4.81
C VAL C 49 13.36 32.09 -6.20
N LYS C 50 14.06 32.54 -7.23
CA LYS C 50 13.52 32.50 -8.58
C LYS C 50 14.14 31.38 -9.43
N THR C 51 15.14 30.70 -8.87
CA THR C 51 15.85 29.66 -9.61
C THR C 51 15.15 28.31 -9.49
N PRO C 52 14.59 27.80 -10.60
CA PRO C 52 13.84 26.55 -10.53
C PRO C 52 14.73 25.32 -10.50
N LEU C 53 14.29 24.33 -9.73
CA LEU C 53 14.90 23.01 -9.71
C LEU C 53 14.88 22.38 -11.09
N THR C 54 15.98 21.74 -11.50
CA THR C 54 16.07 21.07 -12.79
C THR C 54 16.56 19.63 -12.59
N PRO C 55 16.36 18.75 -13.59
CA PRO C 55 16.80 17.35 -13.44
C PRO C 55 18.28 17.20 -13.07
N SER C 56 19.13 18.10 -13.57
CA SER C 56 20.56 17.97 -13.32
C SER C 56 20.92 18.23 -11.85
N ASP C 57 19.98 18.76 -11.07
CA ASP C 57 20.19 18.91 -9.63
C ASP C 57 20.22 17.56 -8.90
N ARG C 58 19.81 16.50 -9.60
CA ARG C 58 19.90 15.14 -9.07
C ARG C 58 21.28 14.80 -8.47
N VAL C 59 22.34 15.21 -9.16
CA VAL C 59 23.70 14.86 -8.76
C VAL C 59 24.01 15.41 -7.35
N ILE C 60 23.52 16.61 -7.07
CA ILE C 60 23.71 17.24 -5.76
C ILE C 60 22.85 16.56 -4.69
N ALA C 61 21.59 16.27 -5.03
CA ALA C 61 20.70 15.56 -4.12
C ALA C 61 21.25 14.20 -3.70
N GLU C 62 21.87 13.51 -4.66
CA GLU C 62 22.49 12.22 -4.38
C GLU C 62 23.69 12.31 -3.45
N SER C 63 24.49 13.35 -3.64
CA SER C 63 25.78 13.43 -2.95
C SER C 63 25.72 14.24 -1.64
N ARG C 64 24.85 15.22 -1.57
CA ARG C 64 24.74 16.06 -0.37
C ARG C 64 23.38 15.91 0.32
N GLY C 65 22.35 15.61 -0.47
CA GLY C 65 21.02 15.43 0.08
C GLY C 65 20.03 16.52 -0.33
N LEU C 66 18.81 16.41 0.17
CA LEU C 66 17.75 17.38 -0.12
C LEU C 66 17.19 17.93 1.19
N SER C 67 17.21 19.25 1.32
CA SER C 67 16.76 19.90 2.55
C SER C 67 15.47 20.69 2.34
N LEU C 68 14.67 20.79 3.40
CA LEU C 68 13.48 21.62 3.39
C LEU C 68 13.24 22.24 4.76
N ILE C 69 12.60 23.40 4.76
CA ILE C 69 12.06 23.97 5.99
C ILE C 69 10.55 23.83 5.96
N ASP C 70 10.01 23.16 6.97
CA ASP C 70 8.56 23.05 7.11
C ASP C 70 8.06 24.10 8.09
N CYS C 71 7.20 24.99 7.60
CA CYS C 71 6.62 26.04 8.44
C CYS C 71 5.26 26.39 7.88
N SER C 72 4.57 27.36 8.48
CA SER C 72 3.30 27.79 7.89
C SER C 72 3.59 28.64 6.66
N TRP C 73 2.68 28.67 5.70
CA TRP C 73 2.86 29.53 4.54
C TRP C 73 2.81 31.00 4.93
N LYS C 74 2.15 31.31 6.04
CA LYS C 74 2.08 32.68 6.52
C LYS C 74 3.45 33.18 6.96
N ARG C 75 4.30 32.27 7.41
CA ARG C 75 5.64 32.62 7.86
C ARG C 75 6.75 32.29 6.85
N ALA C 76 6.38 31.61 5.76
CA ALA C 76 7.36 31.03 4.85
C ALA C 76 8.34 32.05 4.26
N VAL C 77 7.82 33.20 3.81
CA VAL C 77 8.69 34.19 3.21
C VAL C 77 9.69 34.72 4.22
N ASP C 78 9.19 35.10 5.41
CA ASP C 78 10.05 35.63 6.45
C ASP C 78 11.16 34.64 6.85
N VAL C 79 10.80 33.38 7.01
CA VAL C 79 11.74 32.36 7.46
C VAL C 79 12.83 32.09 6.41
N HIS C 80 12.43 31.89 5.16
CA HIS C 80 13.40 31.57 4.12
C HIS C 80 14.31 32.74 3.78
N THR C 81 13.78 33.96 3.82
CA THR C 81 14.56 35.12 3.41
C THR C 81 15.60 35.51 4.46
N LYS C 82 15.31 35.19 5.72
CA LYS C 82 16.17 35.66 6.81
C LYS C 82 17.15 34.62 7.36
N PHE C 83 16.88 33.34 7.14
CA PHE C 83 17.65 32.32 7.87
C PHE C 83 18.45 31.32 7.02
N ILE C 84 18.43 31.45 5.70
CA ILE C 84 19.29 30.59 4.88
C ILE C 84 20.10 31.38 3.85
N ARG C 85 21.38 31.57 4.15
CA ARG C 85 22.28 32.30 3.26
C ARG C 85 23.56 31.51 2.97
N GLY C 86 23.85 31.33 1.69
CA GLY C 86 25.12 30.76 1.26
C GLY C 86 25.30 29.27 1.46
N LYS C 87 24.75 28.75 2.56
CA LYS C 87 24.95 27.37 2.98
C LYS C 87 24.41 26.32 2.01
N PHE C 88 23.38 26.69 1.24
CA PHE C 88 22.67 25.72 0.40
C PHE C 88 22.68 26.08 -1.07
N ILE C 89 22.22 25.13 -1.89
CA ILE C 89 21.83 25.39 -3.26
C ILE C 89 20.32 25.59 -3.29
N ARG C 90 19.90 26.85 -3.32
CA ARG C 90 18.50 27.21 -3.14
C ARG C 90 17.74 27.14 -4.45
N ARG C 91 16.66 26.36 -4.47
CA ARG C 91 15.86 26.19 -5.68
C ARG C 91 14.36 26.21 -5.38
N ARG C 92 13.61 26.97 -6.16
CA ARG C 92 12.16 26.89 -6.09
C ARG C 92 11.73 25.72 -6.95
N LEU C 93 10.51 25.24 -6.76
CA LEU C 93 9.97 24.25 -7.67
C LEU C 93 9.44 24.96 -8.89
N PRO C 94 9.55 24.32 -10.06
CA PRO C 94 8.82 24.84 -11.22
C PRO C 94 7.33 24.81 -10.93
N LEU C 95 6.56 25.60 -11.68
CA LEU C 95 5.16 25.83 -11.38
C LEU C 95 4.31 24.57 -11.48
N LEU C 96 3.65 24.23 -10.39
CA LEU C 96 2.79 23.05 -10.32
C LEU C 96 1.48 23.38 -9.63
N ILE C 97 0.49 22.52 -9.85
CA ILE C 97 -0.84 22.72 -9.28
C ILE C 97 -1.02 21.82 -8.06
N ALA C 98 -1.45 22.40 -6.95
CA ALA C 98 -1.65 21.63 -5.71
C ALA C 98 -2.82 20.66 -5.85
N ALA C 99 -2.69 19.48 -5.25
CA ALA C 99 -3.75 18.49 -5.29
C ALA C 99 -4.33 18.22 -3.91
N ASN C 100 -3.74 18.82 -2.88
CA ASN C 100 -4.21 18.59 -1.51
C ASN C 100 -5.58 19.26 -1.32
N PRO C 101 -6.38 18.76 -0.36
CA PRO C 101 -7.75 19.25 -0.16
C PRO C 101 -7.86 20.74 0.17
N THR C 102 -6.83 21.30 0.81
CA THR C 102 -6.86 22.70 1.22
C THR C 102 -6.75 23.66 0.05
N HIS C 103 -5.78 23.41 -0.84
CA HIS C 103 -5.49 24.34 -1.92
C HIS C 103 -5.67 23.71 -3.30
N TYR C 104 -6.54 22.71 -3.41
CA TYR C 104 -6.73 21.99 -4.66
C TYR C 104 -6.93 22.92 -5.85
N GLY C 105 -6.17 22.69 -6.91
CA GLY C 105 -6.35 23.44 -8.15
C GLY C 105 -5.57 24.74 -8.23
N LYS C 106 -4.91 25.13 -7.13
CA LYS C 106 -4.21 26.40 -7.11
C LYS C 106 -2.70 26.24 -7.33
N PRO C 107 -2.09 27.19 -8.07
CA PRO C 107 -0.69 27.09 -8.48
C PRO C 107 0.33 27.39 -7.37
N TYR C 108 1.46 26.67 -7.43
CA TYR C 108 2.70 26.99 -6.72
C TYR C 108 2.73 26.68 -5.23
N ILE C 109 1.65 26.97 -4.53
CA ILE C 109 1.60 26.79 -3.08
C ILE C 109 1.34 25.32 -2.74
N LEU C 110 2.40 24.55 -2.54
CA LEU C 110 2.28 23.11 -2.34
C LEU C 110 2.46 22.72 -0.88
N SER C 111 1.89 21.57 -0.50
CA SER C 111 2.20 21.00 0.81
C SER C 111 3.65 20.53 0.80
N THR C 112 4.21 20.31 1.99
CA THR C 112 5.59 19.86 2.09
C THR C 112 5.74 18.51 1.37
N ILE C 113 4.78 17.61 1.52
CA ILE C 113 4.91 16.30 0.91
C ILE C 113 4.81 16.36 -0.61
N GLU C 114 3.96 17.26 -1.13
CA GLU C 114 3.85 17.45 -2.57
C GLU C 114 5.15 18.02 -3.13
N ALA C 115 5.76 18.92 -2.38
CA ALA C 115 7.00 19.52 -2.82
C ALA C 115 8.14 18.50 -2.86
N VAL C 116 8.21 17.66 -1.84
CA VAL C 116 9.21 16.60 -1.82
C VAL C 116 9.02 15.68 -3.03
N ALA C 117 7.78 15.28 -3.27
CA ALA C 117 7.49 14.38 -4.39
C ALA C 117 7.78 15.03 -5.74
N ALA C 118 7.43 16.30 -5.88
CA ALA C 118 7.74 17.03 -7.11
C ALA C 118 9.25 17.08 -7.36
N ALA C 119 10.01 17.39 -6.32
CA ALA C 119 11.46 17.47 -6.43
C ALA C 119 12.04 16.12 -6.85
N LEU C 120 11.58 15.06 -6.18
CA LEU C 120 11.99 13.70 -6.53
C LEU C 120 11.70 13.36 -7.99
N TYR C 121 10.47 13.63 -8.40
CA TYR C 121 10.04 13.35 -9.78
C TYR C 121 10.95 14.05 -10.79
N ILE C 122 11.11 15.35 -10.61
CA ILE C 122 11.90 16.18 -11.52
C ILE C 122 13.33 15.67 -11.62
N MSE C 123 13.87 15.17 -10.51
CA MSE C 123 15.25 14.68 -10.50
C MSE C 123 15.36 13.20 -10.86
O MSE C 123 16.41 12.59 -10.67
CB MSE C 123 15.88 14.95 -9.13
CG MSE C 123 15.97 16.45 -8.79
SE MSE C 123 16.98 16.83 -7.18
CE MSE C 123 15.80 16.00 -5.87
N GLY C 124 14.29 12.62 -11.38
CA GLY C 124 14.34 11.27 -11.91
C GLY C 124 13.97 10.17 -10.95
N PHE C 125 13.57 10.54 -9.73
CA PHE C 125 13.16 9.55 -8.74
C PHE C 125 11.63 9.39 -8.78
N LYS C 126 11.11 8.96 -9.93
CA LYS C 126 9.67 8.87 -10.13
C LYS C 126 9.01 7.84 -9.22
N ASP C 127 9.63 6.68 -9.05
CA ASP C 127 9.05 5.62 -8.22
C ASP C 127 8.96 6.08 -6.77
N GLU C 128 10.04 6.69 -6.29
CA GLU C 128 10.08 7.24 -4.94
C GLU C 128 9.04 8.35 -4.75
N ALA C 129 8.88 9.19 -5.77
CA ALA C 129 7.89 10.25 -5.70
C ALA C 129 6.49 9.67 -5.45
N MSE C 130 6.20 8.55 -6.12
CA MSE C 130 4.88 7.92 -6.00
C MSE C 130 4.73 7.25 -4.64
O MSE C 130 3.65 7.29 -4.04
CB MSE C 130 4.67 6.90 -7.12
CG MSE C 130 3.28 6.26 -7.08
SE MSE C 130 1.87 7.60 -7.33
CE MSE C 130 2.21 8.03 -9.20
N GLU C 131 5.78 6.60 -4.17
CA GLU C 131 5.77 5.95 -2.85
C GLU C 131 5.47 6.98 -1.77
N VAL C 132 6.04 8.17 -1.93
CA VAL C 132 5.81 9.28 -1.01
C VAL C 132 4.35 9.77 -1.09
N LEU C 133 3.86 10.00 -2.32
CA LEU C 133 2.52 10.54 -2.50
C LEU C 133 1.42 9.58 -2.04
N ARG C 134 1.70 8.29 -2.12
CA ARG C 134 0.69 7.29 -1.74
C ARG C 134 0.37 7.32 -0.24
N LEU C 135 1.15 8.09 0.54
CA LEU C 135 0.84 8.30 1.96
C LEU C 135 -0.49 9.03 2.18
N TYR C 136 -1.00 9.67 1.13
CA TYR C 136 -2.32 10.31 1.18
C TYR C 136 -3.20 9.78 0.05
N LYS C 137 -4.51 9.73 0.27
CA LYS C 137 -5.38 9.21 -0.76
C LYS C 137 -5.37 10.13 -1.99
N TRP C 138 -5.22 11.43 -1.76
CA TRP C 138 -5.20 12.42 -2.83
C TRP C 138 -3.80 12.59 -3.46
N GLY C 139 -2.81 11.95 -2.85
CA GLY C 139 -1.43 12.09 -3.27
C GLY C 139 -1.11 11.80 -4.73
N PRO C 140 -1.44 10.59 -5.20
CA PRO C 140 -1.12 10.24 -6.58
C PRO C 140 -1.74 11.18 -7.61
N ASN C 141 -2.87 11.80 -7.27
CA ASN C 141 -3.54 12.73 -8.17
C ASN C 141 -2.69 13.97 -8.45
N PHE C 142 -1.73 14.27 -7.57
CA PHE C 142 -0.80 15.37 -7.77
C PHE C 142 -0.01 15.18 -9.07
N ILE C 143 0.42 13.95 -9.32
CA ILE C 143 1.13 13.67 -10.57
C ILE C 143 0.16 13.68 -11.76
N ILE C 144 -1.04 13.12 -11.58
CA ILE C 144 -2.04 13.09 -12.65
C ILE C 144 -2.37 14.49 -13.18
N ILE C 145 -2.72 15.41 -12.28
CA ILE C 145 -3.17 16.72 -12.72
C ILE C 145 -1.98 17.58 -13.19
N ASN C 146 -0.77 17.17 -12.85
CA ASN C 146 0.42 17.89 -13.31
C ASN C 146 1.25 17.15 -14.35
N GLN C 147 0.71 16.07 -14.90
CA GLN C 147 1.51 15.14 -15.70
C GLN C 147 2.19 15.80 -16.90
N LYS C 148 1.45 16.61 -17.63
CA LYS C 148 2.00 17.26 -18.82
C LYS C 148 3.12 18.25 -18.48
N TYR C 149 2.98 18.94 -17.35
CA TYR C 149 4.00 19.89 -16.91
C TYR C 149 5.22 19.13 -16.40
N LEU C 150 4.98 18.12 -15.56
CA LEU C 150 6.05 17.32 -14.98
C LEU C 150 6.90 16.63 -16.03
N GLU C 151 6.26 16.15 -17.10
CA GLU C 151 6.97 15.50 -18.19
C GLU C 151 7.98 16.45 -18.83
N ARG C 152 7.59 17.71 -18.99
CA ARG C 152 8.51 18.72 -19.51
C ARG C 152 9.58 19.09 -18.49
N TYR C 153 9.16 19.33 -17.25
CA TYR C 153 10.09 19.71 -16.19
C TYR C 153 11.16 18.63 -15.97
N ALA C 154 10.74 17.37 -16.06
CA ALA C 154 11.65 16.25 -15.86
C ALA C 154 12.60 16.11 -17.04
N ALA C 155 12.28 16.76 -18.14
CA ALA C 155 13.12 16.73 -19.34
C ALA C 155 13.93 18.01 -19.47
N GLY C 156 13.91 18.83 -18.43
CA GLY C 156 14.68 20.07 -18.39
C GLY C 156 14.03 21.22 -19.15
N ASP C 157 12.74 21.09 -19.44
CA ASP C 157 12.02 22.10 -20.21
C ASP C 157 11.05 22.90 -19.33
N LEU C 158 11.35 24.18 -19.15
CA LEU C 158 10.57 25.04 -18.25
C LEU C 158 9.53 25.89 -18.97
N SER C 159 9.37 25.68 -20.27
CA SER C 159 8.40 26.45 -21.05
C SER C 159 6.93 26.39 -20.57
N PRO C 160 6.50 25.30 -19.88
CA PRO C 160 5.11 25.35 -19.41
C PRO C 160 4.77 26.47 -18.42
N GLU C 161 5.75 27.03 -17.71
CA GLU C 161 5.46 27.93 -16.60
C GLU C 161 4.67 29.17 -16.98
N ARG C 162 5.09 29.86 -18.03
CA ARG C 162 4.46 31.14 -18.39
C ARG C 162 3.01 30.97 -18.83
N GLU C 163 2.72 29.92 -19.58
CA GLU C 163 1.35 29.69 -20.03
C GLU C 163 0.47 29.17 -18.89
N LEU C 164 1.08 28.42 -17.98
CA LEU C 164 0.33 27.88 -16.85
C LEU C 164 -0.03 28.99 -15.87
N LEU C 165 0.94 29.86 -15.56
CA LEU C 165 0.68 31.00 -14.69
C LEU C 165 -0.06 32.11 -15.44
N GLY C 166 0.13 32.16 -16.75
CA GLY C 166 -0.56 33.12 -17.60
C GLY C 166 0.07 34.50 -17.58
N VAL C 167 1.34 34.56 -17.20
CA VAL C 167 2.09 35.81 -17.18
C VAL C 167 3.47 35.63 -17.79
N ASP C 168 3.97 36.67 -18.47
CA ASP C 168 5.36 36.64 -18.90
C ASP C 168 6.28 36.93 -17.71
N ASP C 169 5.81 37.81 -16.82
CA ASP C 169 6.58 38.20 -15.65
C ASP C 169 6.29 37.19 -14.53
N VAL C 170 6.91 36.03 -14.62
CA VAL C 170 6.71 34.95 -13.64
C VAL C 170 7.13 35.38 -12.23
N ASP C 171 8.27 36.06 -12.11
CA ASP C 171 8.79 36.49 -10.81
C ASP C 171 7.75 37.28 -10.01
N ASN C 172 7.14 38.27 -10.64
CA ASN C 172 6.12 39.08 -9.96
C ASN C 172 4.91 38.24 -9.59
N GLY C 173 4.55 37.32 -10.47
CA GLY C 173 3.41 36.45 -10.24
C GLY C 173 3.61 35.57 -9.02
N LEU C 174 4.78 34.95 -8.93
CA LEU C 174 5.09 34.10 -7.78
C LEU C 174 5.12 34.90 -6.48
N GLU C 175 5.73 36.08 -6.53
CA GLU C 175 5.82 36.94 -5.35
C GLU C 175 4.44 37.30 -4.84
N GLN C 176 3.49 37.52 -5.75
CA GLN C 176 2.14 37.89 -5.37
C GLN C 176 1.35 36.72 -4.77
N LEU C 177 1.52 35.53 -5.35
CA LEU C 177 0.84 34.33 -4.82
C LEU C 177 1.18 34.09 -3.36
N MSE C 178 2.44 34.35 -3.00
CA MSE C 178 2.89 34.16 -1.64
C MSE C 178 2.52 35.33 -0.74
O MSE C 178 2.25 35.15 0.46
CB MSE C 178 4.39 33.93 -1.60
CG MSE C 178 4.79 32.54 -2.06
SE MSE C 178 6.70 32.33 -2.03
CE MSE C 178 7.17 33.70 -3.36
N ARG C 179 2.53 36.54 -1.31
CA ARG C 179 2.16 37.75 -0.57
C ARG C 179 0.74 37.63 -0.04
N VAL C 180 -0.13 36.98 -0.80
CA VAL C 180 -1.50 36.70 -0.38
C VAL C 180 -1.52 35.94 0.94
N LEU C 181 -0.65 34.92 1.04
CA LEU C 181 -0.60 34.09 2.22
C LEU C 181 0.12 34.77 3.36
N THR C 182 1.13 35.57 3.03
CA THR C 182 1.88 36.34 4.01
C THR C 182 0.97 37.31 4.76
N ASN C 183 0.11 37.99 3.99
CA ASN C 183 -0.74 39.04 4.55
C ASN C 183 -2.15 38.56 4.92
N GLY C 184 -2.40 37.27 4.78
CA GLY C 184 -3.70 36.70 5.06
C GLY C 184 -3.72 35.77 6.25
C2 EEM D . 3.90 -11.20 9.91
N3 EEM D . 4.90 -11.78 10.51
C4 EEM D . 5.68 -11.08 11.33
C1' EEM D . 7.35 -12.72 12.25
C2' EEM D . 7.97 -13.09 10.89
C3' EEM D . 9.27 -12.60 11.03
C4' EEM D . 9.69 -12.76 12.30
C5' EEM D . 10.50 -11.64 12.83
O EEM D . 12.78 -11.84 17.48
C EEM D . 13.90 -11.57 17.13
OXT EEM D . 14.86 -12.01 17.75
CA EEM D . 14.13 -10.73 15.90
N EEM D . 15.54 -10.41 15.84
CB EEM D . 13.68 -11.57 14.72
CG EEM D . 13.51 -10.81 13.42
SE EEM D . 12.34 -11.79 12.17
CE EEM D . 12.33 -10.94 10.44
O4' EEM D . 8.30 -12.63 13.10
O3' EEM D . 10.18 -13.14 9.99
O2' EEM D . 8.00 -14.52 10.93
N9 EEM D . 6.75 -11.37 12.08
C8 EEM D . 7.08 -10.25 12.68
N7 EEM D . 6.29 -9.26 12.35
C5 EEM D . 5.38 -9.74 11.49
N1 EEM D . 3.58 -9.93 10.02
C6 EEM D . 4.27 -9.15 10.80
N6 EEM D . 3.97 -7.79 10.94
O1 MES E . -8.94 6.77 8.98
C2 MES E . -8.57 6.17 7.74
C3 MES E . -8.02 7.23 6.80
N4 MES E . -7.13 8.17 7.40
C5 MES E . -6.72 7.90 8.74
C6 MES E . -7.78 7.28 9.66
C7 MES E . -5.99 8.41 6.53
C8 MES E . -6.44 9.13 5.25
S MES E . -4.99 9.60 4.26
O1S MES E . -4.30 8.39 3.67
O2S MES E . -4.06 10.42 5.12
O3S MES E . -5.37 10.56 3.15
O1 MES F . 18.69 -11.99 35.02
C2 MES F . 18.93 -12.92 33.98
C3 MES F . 17.63 -13.21 33.24
N4 MES F . 16.80 -12.07 33.03
C5 MES F . 17.36 -10.78 33.33
C6 MES F . 18.38 -10.72 34.47
C7 MES F . 16.25 -12.10 31.69
C8 MES F . 15.31 -10.91 31.47
S MES F . 13.96 -11.39 30.37
O1S MES F . 14.54 -12.14 29.18
O2S MES F . 12.90 -12.20 31.09
O3S MES F . 13.14 -10.18 29.95
C2 EEM G . -10.11 -10.80 -9.26
N3 EEM G . -10.25 -10.41 -10.49
C4 EEM G . -10.99 -11.13 -11.31
C1' EEM G . -11.06 -9.88 -13.49
C2' EEM G . -9.48 -9.97 -13.69
C3' EEM G . -9.39 -10.80 -14.86
C4' EEM G . -10.38 -10.48 -15.65
C5' EEM G . -10.99 -11.62 -16.42
O EEM G . -14.67 -11.16 -20.03
C EEM G . -14.14 -11.77 -20.90
OXT EEM G . -14.39 -11.51 -22.06
CA EEM G . -13.13 -12.83 -20.57
N EEM G . -12.74 -13.56 -21.75
CB EEM G . -11.96 -12.09 -19.95
CG EEM G . -10.97 -13.03 -19.29
SE EEM G . -9.87 -12.09 -17.95
CE EEM G . -8.54 -13.30 -17.27
O4' EEM G . -11.55 -10.06 -14.63
O3' EEM G . -8.07 -10.62 -15.46
O2' EEM G . -9.04 -8.60 -14.06
N9 EEM G . -11.35 -11.02 -12.60
C8 EEM G . -12.10 -12.05 -12.88
N7 EEM G . -12.22 -12.83 -11.84
C5 EEM G . -11.54 -12.28 -10.84
N1 EEM G . -10.60 -11.90 -8.74
C6 EEM G . -11.34 -12.68 -9.48
N6 EEM G . -11.90 -13.88 -8.99
O1 MES H . -28.91 -9.64 -31.49
C2 MES H . -29.16 -8.41 -30.82
C3 MES H . -28.22 -8.13 -29.65
N4 MES H . -28.06 -9.24 -28.77
C5 MES H . -27.87 -10.50 -29.40
C6 MES H . -28.76 -10.76 -30.62
C7 MES H . -27.02 -8.99 -27.80
C8 MES H . -27.20 -9.95 -26.63
S MES H . -26.43 -9.29 -25.12
O1S MES H . -25.00 -8.95 -25.42
O2S MES H . -26.57 -10.29 -23.98
O3S MES H . -27.20 -8.12 -24.54
C2 EEM I . 9.74 25.34 -3.37
N3 EEM I . 9.44 24.74 -2.26
C4 EEM I . 8.17 24.51 -1.98
C1' EEM I . 8.11 23.21 0.18
C2' EEM I . 8.92 24.27 0.98
C3' EEM I . 7.85 24.79 1.91
C4' EEM I . 7.16 23.71 2.24
C5' EEM I . 5.71 23.90 2.44
O EEM I . 2.57 20.18 4.24
C EEM I . 2.04 20.82 5.09
OXT EEM I . 1.61 20.27 6.10
CA EEM I . 1.95 22.32 4.99
N EEM I . 1.13 22.81 6.06
CB EEM I . 3.38 22.85 5.08
CG EEM I . 3.57 24.31 4.74
SE EEM I . 5.40 24.70 4.19
CE EEM I . 5.58 26.61 3.89
O4' EEM I . 7.23 22.75 0.94
O3' EEM I . 8.46 25.51 3.05
O2' EEM I . 9.91 23.57 1.72
N9 EEM I . 7.51 23.94 -0.96
C8 EEM I . 6.24 24.00 -1.25
N7 EEM I . 6.04 24.62 -2.38
C5 EEM I . 7.23 24.95 -2.89
N1 EEM I . 8.89 25.78 -4.26
C6 EEM I . 7.60 25.62 -4.07
N6 EEM I . 6.63 26.10 -4.99
#